data_7NDX
#
_entry.id   7NDX
#
_cell.length_a   41.300
_cell.length_b   128.264
_cell.length_c   135.213
_cell.angle_alpha   90.000
_cell.angle_beta   90.000
_cell.angle_gamma   90.000
#
_symmetry.space_group_name_H-M   'I 21 21 21'
#
loop_
_entity.id
_entity.type
_entity.pdbx_description
1 polymer 'DnaJ homolog subfamily B member 1'
2 polymer 'Nuclear migration protein nudC'
3 non-polymer 1,2-ETHANEDIOL
4 water water
#
loop_
_entity_poly.entity_id
_entity_poly.type
_entity_poly.pdbx_seq_one_letter_code
_entity_poly.pdbx_strand_id
1 'polypeptide(L)'
;RKKQDPPVTHDLRVSLEEIYSGCTKKMKISHKRLNPDGKSIRNEDKILTIEVKKGWKEGTKITFPKEGDQTSNNIPADIV
FVLKDKPHNIFKRDGSDVIYPARISLREALCGCTVNVPTLDGRTIPVVFKDVIRPGMRRKVPGEGLPLPKTPEKRGDLII
EFEVIFPERIPQTSRTVLEQVLPI
;
A
2 'polypeptide(L)' SGPQIKELTDEEAERLQLEIDQKKDAENHEAQLKNGSLDSPG B
#
# COMPACT_ATOMS: atom_id res chain seq x y z
N PRO A 7 -11.82 -21.56 -17.08
CA PRO A 7 -11.91 -21.17 -15.67
C PRO A 7 -10.57 -20.63 -15.15
N VAL A 8 -10.02 -19.61 -15.78
CA VAL A 8 -8.55 -19.26 -15.72
C VAL A 8 -8.34 -17.96 -14.91
N THR A 9 -7.41 -18.00 -13.94
CA THR A 9 -7.09 -16.88 -13.03
C THR A 9 -5.71 -16.30 -13.40
N HIS A 10 -5.58 -14.98 -13.29
CA HIS A 10 -4.29 -14.24 -13.45
C HIS A 10 -4.29 -13.12 -12.40
N ASP A 11 -3.13 -12.92 -11.76
CA ASP A 11 -2.98 -12.05 -10.58
C ASP A 11 -2.92 -10.60 -11.07
N LEU A 12 -3.71 -9.72 -10.45
CA LEU A 12 -3.73 -8.27 -10.79
C LEU A 12 -3.15 -7.48 -9.62
N ARG A 13 -1.85 -7.15 -9.71
CA ARG A 13 -1.08 -6.50 -8.61
C ARG A 13 -1.44 -5.01 -8.60
N VAL A 14 -1.87 -4.50 -7.46
CA VAL A 14 -2.34 -3.10 -7.33
C VAL A 14 -1.62 -2.47 -6.14
N SER A 15 -0.95 -1.34 -6.39
CA SER A 15 -0.26 -0.51 -5.37
C SER A 15 -1.28 0.16 -4.44
N LEU A 16 -0.87 0.38 -3.20
CA LEU A 16 -1.62 1.07 -2.13
C LEU A 16 -2.20 2.39 -2.63
N GLU A 17 -1.45 3.09 -3.49
CA GLU A 17 -1.83 4.45 -4.00
C GLU A 17 -2.98 4.26 -4.98
N GLU A 18 -2.90 3.23 -5.81
CA GLU A 18 -3.96 2.86 -6.78
C GLU A 18 -5.20 2.57 -5.96
N ILE A 19 -5.09 1.81 -4.88
CA ILE A 19 -6.26 1.42 -4.03
C ILE A 19 -6.84 2.69 -3.37
N TYR A 20 -6.00 3.61 -2.88
CA TYR A 20 -6.44 4.89 -2.26
C TYR A 20 -7.30 5.72 -3.23
N SER A 21 -6.87 5.90 -4.49
CA SER A 21 -7.51 6.86 -5.45
C SER A 21 -8.37 6.17 -6.52
N GLY A 22 -8.30 4.84 -6.64
CA GLY A 22 -8.79 4.05 -7.78
C GLY A 22 -7.80 4.17 -8.92
N CYS A 23 -7.86 3.26 -9.88
CA CYS A 23 -7.07 3.32 -11.13
C CYS A 23 -7.73 2.43 -12.19
N THR A 24 -7.40 2.64 -13.47
CA THR A 24 -7.75 1.74 -14.60
C THR A 24 -6.54 0.88 -14.96
N LYS A 25 -6.72 -0.44 -15.11
CA LYS A 25 -5.62 -1.34 -15.55
C LYS A 25 -6.00 -2.01 -16.87
N LYS A 26 -5.08 -1.96 -17.84
CA LYS A 26 -5.18 -2.53 -19.20
C LYS A 26 -4.37 -3.84 -19.31
N MET A 27 -4.97 -4.93 -19.80
CA MET A 27 -4.30 -6.27 -19.81
C MET A 27 -4.38 -6.86 -21.23
N LYS A 28 -3.22 -7.24 -21.79
CA LYS A 28 -3.08 -7.83 -23.15
C LYS A 28 -3.26 -9.34 -23.09
N ILE A 29 -3.93 -9.95 -24.09
CA ILE A 29 -4.14 -11.43 -24.22
C ILE A 29 -3.70 -11.91 -25.62
N SER A 30 -3.55 -13.25 -25.77
CA SER A 30 -3.54 -14.00 -27.05
C SER A 30 -4.00 -15.44 -26.78
N HIS A 31 -4.66 -16.08 -27.75
CA HIS A 31 -5.39 -17.38 -27.62
C HIS A 31 -4.76 -18.44 -28.52
N ASN A 43 -5.96 -16.71 -32.68
CA ASN A 43 -4.86 -16.05 -31.89
C ASN A 43 -4.91 -14.55 -32.18
N GLU A 44 -5.88 -13.85 -31.57
CA GLU A 44 -6.07 -12.37 -31.68
C GLU A 44 -5.62 -11.74 -30.36
N ASP A 45 -4.80 -10.70 -30.44
CA ASP A 45 -4.38 -9.84 -29.29
C ASP A 45 -5.55 -8.90 -28.95
N LYS A 46 -6.16 -9.06 -27.77
CA LYS A 46 -7.33 -8.27 -27.31
C LYS A 46 -7.02 -7.63 -25.95
N ILE A 47 -7.66 -6.49 -25.65
CA ILE A 47 -7.48 -5.70 -24.39
C ILE A 47 -8.72 -5.83 -23.50
N LEU A 48 -8.52 -6.31 -22.26
CA LEU A 48 -9.48 -6.20 -21.15
C LEU A 48 -9.08 -5.01 -20.28
N THR A 49 -9.99 -4.07 -20.09
CA THR A 49 -9.87 -2.91 -19.17
C THR A 49 -10.53 -3.31 -17.85
N ILE A 50 -10.07 -2.74 -16.75
CA ILE A 50 -10.40 -3.17 -15.36
C ILE A 50 -10.41 -1.92 -14.49
N GLU A 51 -11.59 -1.32 -14.32
CA GLU A 51 -11.74 -0.23 -13.33
C GLU A 51 -11.42 -0.86 -11.98
N VAL A 52 -10.59 -0.24 -11.15
CA VAL A 52 -10.32 -0.73 -9.77
C VAL A 52 -10.83 0.38 -8.87
N LYS A 53 -12.00 0.18 -8.26
CA LYS A 53 -12.65 1.26 -7.48
C LYS A 53 -11.92 1.32 -6.13
N LYS A 54 -12.00 2.48 -5.49
CA LYS A 54 -11.42 2.81 -4.16
C LYS A 54 -11.61 1.67 -3.15
N GLY A 55 -10.52 1.26 -2.49
CA GLY A 55 -10.56 0.47 -1.24
C GLY A 55 -10.82 -1.00 -1.46
N TRP A 56 -10.88 -1.46 -2.71
CA TRP A 56 -11.04 -2.90 -3.05
C TRP A 56 -9.96 -3.73 -2.36
N LYS A 57 -10.31 -4.91 -1.84
CA LYS A 57 -9.43 -5.74 -0.97
C LYS A 57 -8.74 -6.83 -1.80
N GLU A 58 -7.63 -7.36 -1.28
CA GLU A 58 -6.92 -8.56 -1.81
C GLU A 58 -7.98 -9.62 -2.06
N GLY A 59 -7.87 -10.41 -3.12
CA GLY A 59 -8.79 -11.52 -3.42
C GLY A 59 -9.93 -11.11 -4.35
N THR A 60 -10.40 -9.85 -4.28
CA THR A 60 -11.48 -9.31 -5.15
C THR A 60 -11.34 -9.87 -6.57
N LYS A 61 -12.38 -10.52 -7.08
CA LYS A 61 -12.38 -11.19 -8.41
C LYS A 61 -13.12 -10.29 -9.43
N ILE A 62 -12.50 -10.06 -10.60
CA ILE A 62 -13.14 -9.41 -11.77
C ILE A 62 -13.04 -10.38 -12.95
N THR A 63 -14.17 -10.95 -13.36
CA THR A 63 -14.26 -12.08 -14.32
C THR A 63 -14.56 -11.52 -15.73
N PHE A 64 -14.15 -12.23 -16.77
CA PHE A 64 -14.20 -11.77 -18.18
C PHE A 64 -14.44 -12.94 -19.14
N PRO A 65 -15.67 -13.16 -19.64
CA PRO A 65 -15.97 -14.35 -20.46
C PRO A 65 -15.21 -14.42 -21.79
N ILE A 79 -12.30 -15.23 -17.92
CA ILE A 79 -11.00 -15.13 -17.21
C ILE A 79 -11.18 -14.25 -15.96
N VAL A 80 -10.53 -14.66 -14.87
CA VAL A 80 -10.78 -14.17 -13.48
C VAL A 80 -9.53 -13.47 -12.97
N PHE A 81 -9.48 -12.14 -13.14
CA PHE A 81 -8.46 -11.31 -12.46
C PHE A 81 -8.79 -11.29 -10.96
N VAL A 82 -7.79 -11.66 -10.16
CA VAL A 82 -7.87 -11.67 -8.67
C VAL A 82 -6.85 -10.66 -8.13
N LEU A 83 -7.37 -9.56 -7.57
CA LEU A 83 -6.60 -8.39 -7.09
C LEU A 83 -5.66 -8.79 -5.94
N LYS A 84 -4.35 -8.57 -6.11
CA LYS A 84 -3.26 -8.75 -5.10
C LYS A 84 -2.67 -7.39 -4.73
N ASP A 85 -2.43 -7.15 -3.44
CA ASP A 85 -1.72 -5.95 -2.92
C ASP A 85 -0.22 -6.07 -3.26
N LYS A 86 0.29 -5.14 -4.05
CA LYS A 86 1.74 -4.95 -4.27
C LYS A 86 2.34 -4.54 -2.94
N PRO A 87 3.39 -5.22 -2.44
CA PRO A 87 4.12 -4.73 -1.27
C PRO A 87 4.56 -3.26 -1.44
N HIS A 88 4.41 -2.47 -0.37
CA HIS A 88 4.84 -1.04 -0.21
C HIS A 88 5.87 -0.95 0.91
N ASN A 89 6.86 -0.08 0.85
CA ASN A 89 7.96 -0.15 1.86
C ASN A 89 7.71 0.81 3.03
N ILE A 90 6.73 1.70 2.91
CA ILE A 90 6.37 2.68 3.97
C ILE A 90 5.21 2.13 4.80
N PHE A 91 4.22 1.57 4.14
CA PHE A 91 2.92 1.16 4.74
C PHE A 91 2.71 -0.34 4.53
N LYS A 92 2.06 -1.00 5.49
CA LYS A 92 1.50 -2.35 5.36
C LYS A 92 -0.01 -2.18 5.45
N ARG A 93 -0.72 -2.65 4.43
CA ARG A 93 -2.18 -2.67 4.36
C ARG A 93 -2.71 -3.63 5.41
N ASP A 94 -3.74 -3.20 6.13
CA ASP A 94 -4.53 -4.09 7.03
C ASP A 94 -6.02 -3.79 6.80
N GLY A 95 -6.63 -4.57 5.89
CA GLY A 95 -7.98 -4.36 5.30
C GLY A 95 -8.09 -2.93 4.78
N SER A 96 -8.87 -2.09 5.44
CA SER A 96 -9.06 -0.67 5.08
C SER A 96 -8.14 0.23 5.90
N ASP A 97 -7.46 -0.32 6.89
CA ASP A 97 -6.48 0.40 7.72
C ASP A 97 -5.15 0.34 6.98
N VAL A 98 -4.26 1.27 7.28
CA VAL A 98 -2.86 1.28 6.78
C VAL A 98 -1.90 1.43 7.97
N ILE A 99 -0.90 0.53 8.04
CA ILE A 99 0.05 0.52 9.18
C ILE A 99 1.35 1.21 8.77
N TYR A 100 1.85 2.07 9.66
CA TYR A 100 3.10 2.82 9.49
C TYR A 100 4.08 2.46 10.60
N PRO A 101 5.15 1.68 10.25
CA PRO A 101 6.29 1.48 11.11
C PRO A 101 7.01 2.81 11.35
N ALA A 102 7.06 3.20 12.62
CA ALA A 102 7.85 4.32 13.15
C ALA A 102 9.08 3.76 13.85
N ARG A 103 10.24 3.83 13.18
CA ARG A 103 11.53 3.36 13.73
C ARG A 103 12.16 4.50 14.50
N ILE A 104 12.09 4.46 15.83
CA ILE A 104 12.61 5.54 16.72
C ILE A 104 13.69 4.93 17.60
N SER A 105 14.53 5.77 18.18
CA SER A 105 15.56 5.34 19.16
C SER A 105 14.91 5.11 20.53
N LEU A 106 15.60 4.37 21.38
CA LEU A 106 15.21 4.13 22.78
C LEU A 106 15.19 5.48 23.49
N ARG A 107 16.12 6.35 23.12
CA ARG A 107 16.18 7.71 23.71
C ARG A 107 14.85 8.42 23.43
N GLU A 108 14.40 8.41 22.16
CA GLU A 108 13.14 9.06 21.72
C GLU A 108 11.99 8.48 22.52
N ALA A 109 11.95 7.16 22.64
CA ALA A 109 10.87 6.39 23.27
C ALA A 109 10.76 6.72 24.76
N LEU A 110 11.87 6.88 25.48
CA LEU A 110 11.88 7.22 26.92
C LEU A 110 11.70 8.74 27.18
N CYS A 111 12.25 9.65 26.35
CA CYS A 111 12.43 11.11 26.63
C CYS A 111 11.51 12.00 25.81
N GLY A 112 10.73 11.46 24.86
CA GLY A 112 9.77 12.22 24.05
C GLY A 112 10.23 12.36 22.60
N CYS A 113 9.28 12.46 21.66
CA CYS A 113 9.64 12.63 20.25
C CYS A 113 8.42 13.08 19.48
N THR A 114 8.66 13.51 18.25
CA THR A 114 7.65 13.96 17.28
C THR A 114 7.83 13.04 16.07
N VAL A 115 6.72 12.46 15.67
CA VAL A 115 6.68 11.55 14.52
C VAL A 115 6.01 12.36 13.44
N ASN A 116 6.72 12.53 12.34
CA ASN A 116 6.18 13.10 11.10
C ASN A 116 5.55 11.95 10.32
N VAL A 117 4.27 11.71 10.58
CA VAL A 117 3.49 10.65 9.89
C VAL A 117 3.37 11.06 8.42
N PRO A 118 3.80 10.24 7.47
CA PRO A 118 3.46 10.46 6.07
C PRO A 118 2.02 10.04 5.81
N THR A 119 1.29 10.77 4.98
CA THR A 119 -0.05 10.34 4.49
C THR A 119 0.03 9.70 3.10
N LEU A 120 -1.02 8.99 2.68
CA LEU A 120 -1.02 8.29 1.36
C LEU A 120 -0.99 9.31 0.20
N ASP A 121 -1.46 10.55 0.43
CA ASP A 121 -1.45 11.64 -0.58
C ASP A 121 -0.24 12.55 -0.38
N GLY A 122 0.80 12.13 0.37
CA GLY A 122 2.05 12.89 0.51
C GLY A 122 1.94 14.18 1.34
N ARG A 123 1.21 14.20 2.44
CA ARG A 123 1.32 15.26 3.48
C ARG A 123 2.16 14.66 4.62
N THR A 124 2.73 15.45 5.53
CA THR A 124 3.17 14.89 6.82
C THR A 124 2.46 15.58 7.99
N ILE A 125 2.08 14.76 8.98
CA ILE A 125 1.35 15.13 10.21
C ILE A 125 2.31 14.93 11.38
N PRO A 126 2.67 15.99 12.11
CA PRO A 126 3.44 15.82 13.31
C PRO A 126 2.44 15.35 14.38
N VAL A 127 2.87 14.35 15.13
CA VAL A 127 2.08 13.66 16.17
C VAL A 127 3.06 13.54 17.32
N VAL A 128 2.81 14.30 18.37
CA VAL A 128 3.81 14.50 19.44
C VAL A 128 3.51 13.46 20.51
N PHE A 129 4.55 12.84 21.03
CA PHE A 129 4.45 11.86 22.14
C PHE A 129 5.25 12.40 23.30
N LYS A 130 4.57 12.60 24.42
CA LYS A 130 5.18 13.10 25.68
C LYS A 130 5.45 11.90 26.58
N ASP A 131 4.52 10.95 26.69
CA ASP A 131 4.78 9.78 27.58
C ASP A 131 5.70 8.77 26.89
N VAL A 132 6.35 8.01 27.74
CA VAL A 132 7.11 6.78 27.40
C VAL A 132 6.31 6.01 26.34
N ILE A 133 6.99 5.77 25.23
CA ILE A 133 6.57 4.91 24.10
C ILE A 133 7.15 3.53 24.38
N ARG A 134 6.31 2.52 24.19
CA ARG A 134 6.58 1.11 24.53
C ARG A 134 6.81 0.35 23.25
N PRO A 135 7.71 -0.63 23.23
CA PRO A 135 7.87 -1.51 22.07
C PRO A 135 6.55 -2.06 21.54
N GLY A 136 6.24 -1.78 20.27
CA GLY A 136 5.03 -2.26 19.54
C GLY A 136 3.75 -1.50 19.81
N MET A 137 3.83 -0.43 20.60
CA MET A 137 2.74 0.53 20.86
C MET A 137 2.18 1.02 19.53
N ARG A 138 0.89 1.30 19.49
CA ARG A 138 0.16 1.74 18.27
C ARG A 138 -0.49 3.06 18.64
N ARG A 139 -0.56 3.97 17.70
CA ARG A 139 -1.37 5.19 17.90
C ARG A 139 -2.16 5.41 16.62
N LYS A 140 -3.47 5.30 16.72
CA LYS A 140 -4.43 5.45 15.60
C LYS A 140 -4.42 6.91 15.14
N VAL A 141 -4.15 7.17 13.87
CA VAL A 141 -4.30 8.54 13.29
C VAL A 141 -5.59 8.55 12.48
N PRO A 142 -6.74 8.97 13.06
CA PRO A 142 -8.05 8.62 12.50
C PRO A 142 -8.35 9.22 11.12
N GLY A 143 -8.76 8.40 10.15
CA GLY A 143 -9.25 8.84 8.83
C GLY A 143 -8.16 8.95 7.78
N GLU A 144 -6.93 8.57 8.12
CA GLU A 144 -5.79 8.61 7.16
C GLU A 144 -5.58 7.21 6.58
N GLY A 145 -6.60 6.37 6.53
CA GLY A 145 -6.48 5.05 5.88
C GLY A 145 -7.05 5.03 4.47
N LEU A 146 -7.32 3.83 3.98
CA LEU A 146 -7.93 3.64 2.64
C LEU A 146 -9.41 3.98 2.67
N PRO A 147 -9.99 4.39 1.51
CA PRO A 147 -11.44 4.51 1.39
C PRO A 147 -12.03 3.14 1.66
N LEU A 148 -13.05 3.07 2.52
CA LEU A 148 -13.87 1.85 2.71
C LEU A 148 -14.67 1.66 1.42
N PRO A 149 -14.57 0.50 0.74
CA PRO A 149 -15.12 0.34 -0.61
C PRO A 149 -16.54 0.94 -0.88
N LYS A 150 -17.53 0.66 -0.02
CA LYS A 150 -18.98 0.94 -0.21
C LYS A 150 -19.36 2.31 0.36
N THR A 151 -18.58 2.83 1.32
CA THR A 151 -18.66 4.23 1.82
C THR A 151 -17.29 4.89 1.63
N PRO A 152 -16.89 5.23 0.38
CA PRO A 152 -15.52 5.60 0.08
C PRO A 152 -15.23 7.04 0.55
N GLU A 153 -16.26 7.81 0.92
CA GLU A 153 -16.09 9.11 1.62
C GLU A 153 -15.63 8.85 3.07
N LYS A 154 -15.92 7.66 3.60
CA LYS A 154 -15.42 7.22 4.93
C LYS A 154 -14.17 6.34 4.74
N ARG A 155 -13.04 6.82 5.21
CA ARG A 155 -11.73 6.13 5.11
C ARG A 155 -11.52 5.30 6.38
N GLY A 156 -10.69 4.24 6.30
CA GLY A 156 -10.03 3.59 7.44
C GLY A 156 -9.01 4.50 8.12
N ASP A 157 -8.14 3.93 8.95
CA ASP A 157 -7.20 4.71 9.80
C ASP A 157 -5.75 4.43 9.37
N LEU A 158 -4.87 5.38 9.67
CA LEU A 158 -3.40 5.15 9.71
C LEU A 158 -3.00 4.81 11.15
N ILE A 159 -2.48 3.61 11.35
CA ILE A 159 -1.92 3.11 12.64
C ILE A 159 -0.41 3.29 12.62
N ILE A 160 0.10 4.26 13.38
CA ILE A 160 1.52 4.25 13.82
C ILE A 160 1.77 2.98 14.63
N GLU A 161 2.80 2.20 14.23
CA GLU A 161 3.34 1.03 14.97
C GLU A 161 4.82 1.29 15.30
N PHE A 162 5.12 1.51 16.57
CA PHE A 162 6.47 1.89 17.00
C PHE A 162 7.40 0.68 16.98
N GLU A 163 8.59 0.89 16.44
CA GLU A 163 9.75 -0.02 16.46
C GLU A 163 10.86 0.69 17.24
N VAL A 164 11.09 0.29 18.49
CA VAL A 164 12.11 0.94 19.33
C VAL A 164 13.45 0.25 19.10
N ILE A 165 14.43 1.02 18.60
CA ILE A 165 15.76 0.53 18.19
C ILE A 165 16.72 0.70 19.36
N PHE A 166 17.24 -0.42 19.85
CA PHE A 166 18.12 -0.41 21.04
C PHE A 166 19.53 -0.12 20.56
N PRO A 167 20.41 0.37 21.45
CA PRO A 167 21.80 0.49 21.10
C PRO A 167 22.37 -0.92 21.06
N GLU A 168 23.28 -1.10 20.13
CA GLU A 168 24.04 -2.33 19.93
C GLU A 168 24.80 -2.62 21.23
N ARG A 169 25.33 -1.58 21.91
CA ARG A 169 26.31 -1.69 23.00
C ARG A 169 26.17 -0.51 23.96
N ILE A 170 26.55 -0.72 25.22
CA ILE A 170 26.46 0.32 26.26
C ILE A 170 27.75 0.20 27.06
N PRO A 171 28.64 1.21 26.99
CA PRO A 171 29.82 1.23 27.84
C PRO A 171 29.45 1.15 29.32
N GLN A 172 30.37 0.57 30.11
CA GLN A 172 30.36 0.52 31.60
C GLN A 172 30.02 1.88 32.21
N THR A 173 30.51 2.98 31.61
CA THR A 173 30.14 4.35 32.00
C THR A 173 28.63 4.48 32.05
N SER A 174 27.95 4.14 30.94
CA SER A 174 26.49 4.31 30.76
C SER A 174 25.76 3.31 31.66
N ARG A 175 26.21 2.07 31.73
CA ARG A 175 25.53 1.02 32.51
C ARG A 175 25.34 1.54 33.91
N THR A 176 26.39 2.11 34.49
CA THR A 176 26.42 2.54 35.91
C THR A 176 25.40 3.67 36.09
N VAL A 177 25.37 4.65 35.19
CA VAL A 177 24.33 5.72 35.25
C VAL A 177 22.95 5.09 35.07
N LEU A 178 22.81 4.15 34.15
CA LEU A 178 21.48 3.61 33.78
C LEU A 178 20.90 2.87 34.99
N GLU A 179 21.74 2.15 35.73
CA GLU A 179 21.41 1.48 37.03
C GLU A 179 20.85 2.46 38.06
N GLN A 180 21.19 3.74 37.96
CA GLN A 180 20.84 4.72 39.02
C GLN A 180 19.55 5.41 38.68
N VAL A 181 19.23 5.57 37.40
CA VAL A 181 18.09 6.45 36.98
C VAL A 181 16.93 5.61 36.46
N LEU A 182 17.13 4.37 36.05
CA LEU A 182 16.01 3.49 35.60
C LEU A 182 15.56 2.61 36.76
N PRO A 183 14.23 2.40 36.97
CA PRO A 183 13.75 1.65 38.13
C PRO A 183 13.96 0.14 38.03
N ILE A 184 14.00 -0.51 39.19
CA ILE A 184 14.54 -1.89 39.34
C ILE A 184 13.66 -2.84 38.52
N PRO B 3 -2.82 -19.36 -23.08
CA PRO B 3 -3.43 -18.00 -23.13
C PRO B 3 -2.56 -16.95 -22.39
N GLN B 4 -1.74 -16.21 -23.14
CA GLN B 4 -0.72 -15.27 -22.63
C GLN B 4 -1.38 -13.93 -22.24
N ILE B 5 -1.29 -13.57 -20.96
CA ILE B 5 -1.79 -12.29 -20.38
C ILE B 5 -0.60 -11.47 -19.90
N LYS B 6 -0.63 -10.15 -20.05
CA LYS B 6 0.41 -9.25 -19.48
C LYS B 6 -0.15 -7.82 -19.38
N GLU B 7 0.13 -7.13 -18.27
CA GLU B 7 -0.21 -5.70 -18.01
C GLU B 7 0.40 -4.84 -19.12
N LEU B 8 -0.28 -3.75 -19.47
CA LEU B 8 0.16 -2.73 -20.45
C LEU B 8 0.16 -1.37 -19.76
N THR B 9 0.95 -0.45 -20.26
CA THR B 9 0.84 0.99 -19.94
C THR B 9 -0.32 1.54 -20.75
N ASP B 10 -0.69 2.79 -20.46
CA ASP B 10 -1.72 3.60 -21.14
C ASP B 10 -1.31 3.71 -22.62
N GLU B 11 -0.02 4.04 -22.83
CA GLU B 11 0.69 4.22 -24.12
C GLU B 11 0.77 2.90 -24.89
N GLU B 12 1.28 1.83 -24.26
CA GLU B 12 1.38 0.50 -24.92
C GLU B 12 0.00 0.13 -25.46
N ALA B 13 -1.05 0.38 -24.65
CA ALA B 13 -2.42 -0.14 -24.88
C ALA B 13 -3.04 0.55 -26.10
N GLU B 14 -2.85 1.87 -26.21
CA GLU B 14 -3.30 2.69 -27.36
C GLU B 14 -2.72 2.06 -28.61
N ARG B 15 -1.39 2.07 -28.71
CA ARG B 15 -0.63 1.54 -29.86
C ARG B 15 -1.15 0.16 -30.24
N LEU B 16 -1.49 -0.69 -29.26
CA LEU B 16 -1.93 -2.09 -29.54
C LEU B 16 -3.37 -2.10 -30.09
N GLN B 17 -4.23 -1.17 -29.67
CA GLN B 17 -5.58 -1.07 -30.27
C GLN B 17 -5.43 -0.62 -31.73
N LEU B 18 -4.58 0.36 -32.02
CA LEU B 18 -4.30 0.82 -33.41
C LEU B 18 -3.87 -0.35 -34.29
N GLU B 19 -3.52 -1.51 -33.71
CA GLU B 19 -3.10 -2.72 -34.48
C GLU B 19 -4.32 -3.64 -34.70
N ILE B 20 -5.04 -4.02 -33.63
CA ILE B 20 -6.29 -4.86 -33.71
C ILE B 20 -7.33 -4.11 -34.56
N ASP B 21 -7.24 -2.78 -34.60
CA ASP B 21 -8.05 -1.88 -35.45
C ASP B 21 -7.52 -1.95 -36.89
N GLN B 22 -6.25 -1.52 -37.08
CA GLN B 22 -5.48 -1.59 -38.36
C GLN B 22 -5.19 -3.06 -38.73
N LYS B 23 -5.89 -4.03 -38.11
CA LYS B 23 -6.01 -5.45 -38.55
C LYS B 23 -7.47 -5.74 -38.93
N LYS B 24 -8.46 -5.31 -38.12
CA LYS B 24 -9.92 -5.42 -38.39
C LYS B 24 -10.31 -4.48 -39.55
N ASP B 25 -9.36 -3.69 -40.05
CA ASP B 25 -9.45 -2.83 -41.26
C ASP B 25 -9.28 -3.72 -42.50
N ALA B 26 -8.17 -4.47 -42.55
CA ALA B 26 -7.81 -5.41 -43.65
C ALA B 26 -8.87 -6.54 -43.77
N GLU B 27 -9.35 -7.06 -42.63
CA GLU B 27 -10.31 -8.20 -42.54
C GLU B 27 -11.76 -7.72 -42.65
N ASN B 28 -11.98 -6.39 -42.67
CA ASN B 28 -13.28 -5.73 -42.97
C ASN B 28 -13.37 -5.47 -44.49
N HIS B 29 -12.32 -5.86 -45.26
CA HIS B 29 -12.22 -5.77 -46.74
C HIS B 29 -12.64 -7.11 -47.38
#